data_1IEX
#
_entry.id   1IEX
#
_cell.length_a   102.420
_cell.length_b   102.420
_cell.length_c   185.480
_cell.angle_alpha   90.00
_cell.angle_beta   90.00
_cell.angle_gamma   90.00
#
_symmetry.space_group_name_H-M   'P 43 21 2'
#
loop_
_entity.id
_entity.type
_entity.pdbx_description
1 polymer 'BETA-D-GLUCAN GLUCOHYDROLASE ISOENZYME EXO1'
2 branched 2-acetamido-2-deoxy-beta-D-glucopyranose-(1-2)-alpha-D-mannopyranose-(1-6)-beta-D-mannopyranose-(1-4)-2-acetamido-2-deoxy-beta-D-glucopyranose-(1-4)-[alpha-L-fucopyranose-(1-3)]2-acetamido-2-deoxy-beta-D-glucopyranose
3 branched beta-D-glucopyranose-(1-4)-4-thio-beta-D-glucopyranose
4 non-polymer 2-acetamido-2-deoxy-beta-D-glucopyranose
5 water water
#
_entity_poly.entity_id   1
_entity_poly.type   'polypeptide(L)'
_entity_poly.pdbx_seq_one_letter_code
;DYVLYKDATKPVEDRVADLLGRMTLAEKIGQMTQIERLVATPDVLRDNFIGSLLSGGGSVPRKGATAKEWQDMVDGFQKA
CMSTRLGIPMIYGIDAVHGQNNVYGATIFPHNVGLGATRDPYLVKRIGEATALEVRATGIQYAFAPCIAVCRDPRWGRCY
ESYSEDRRIVQSMTELIPGLQGDVPKDFTSGMPFVAGKNKVAACAKHFVGDGGTVDGINENNTIINREGLMNIHMPAYKN
AMDKGVSTVMISYSSWNGVKMHANQDLVTGYLKDTLKFKGFVISDWEGIDRITTPAGSDYSYSVKASILAGLDMIMVPNK
YQQFISILTGHVNGGVIPMSRIDDAVTRILRVKFTMGLFENPYADPAMAEQLGKQEHRDLAREAARKSLVLLKNGKTSTD
APLLPLPKKAPKILVAGSHADNLGYQCGGWTIEWQGDTGRTTVGTTILEAVKAAVDPSTVVVFAENPDAEFVKSGGFSYA
IVAVGEHPYTETKGDNLNLTIPEPGLSTVQAVCGGVRCATVLISGRPVVVQPLLAASDALVAAWLPGSEGQGVTDALFGD
FGFTGRLPRTWFKSVDQLPMNVGDAHYDPLFRLGYGLTTNATKKY
;
_entity_poly.pdbx_strand_id   A
#
# COMPACT_ATOMS: atom_id res chain seq x y z
N ASP A 1 -2.67 22.62 -40.56
CA ASP A 1 -4.01 23.13 -40.16
C ASP A 1 -4.26 22.93 -38.66
N TYR A 2 -5.51 23.15 -38.26
CA TYR A 2 -5.93 23.02 -36.86
C TYR A 2 -5.83 21.59 -36.34
N VAL A 3 -5.15 21.41 -35.19
CA VAL A 3 -4.99 20.10 -34.58
C VAL A 3 -5.85 20.00 -33.33
N LEU A 4 -7.03 19.42 -33.49
CA LEU A 4 -8.01 19.23 -32.43
C LEU A 4 -7.44 18.72 -31.09
N TYR A 5 -6.74 17.59 -31.12
CA TYR A 5 -6.21 17.00 -29.89
C TYR A 5 -5.31 17.89 -29.03
N LYS A 6 -4.74 18.94 -29.63
CA LYS A 6 -3.89 19.85 -28.89
C LYS A 6 -4.67 21.02 -28.28
N ASP A 7 -5.97 21.09 -28.59
CA ASP A 7 -6.82 22.17 -28.10
C ASP A 7 -7.34 21.82 -26.70
N ALA A 8 -6.79 22.46 -25.67
CA ALA A 8 -7.22 22.18 -24.31
C ALA A 8 -8.68 22.50 -24.03
N THR A 9 -9.32 23.29 -24.89
CA THR A 9 -10.72 23.64 -24.65
C THR A 9 -11.74 22.67 -25.23
N LYS A 10 -11.29 21.62 -25.91
CA LYS A 10 -12.23 20.65 -26.49
C LYS A 10 -12.52 19.51 -25.51
N PRO A 11 -13.72 18.92 -25.60
CA PRO A 11 -14.03 17.81 -24.69
C PRO A 11 -13.10 16.62 -24.86
N VAL A 12 -12.82 15.94 -23.75
CA VAL A 12 -11.92 14.78 -23.73
C VAL A 12 -12.14 13.69 -24.79
N GLU A 13 -13.37 13.21 -24.94
CA GLU A 13 -13.61 12.16 -25.93
C GLU A 13 -13.27 12.59 -27.36
N ASP A 14 -13.38 13.87 -27.66
CA ASP A 14 -13.05 14.35 -29.00
C ASP A 14 -11.54 14.34 -29.23
N ARG A 15 -10.80 14.81 -28.23
CA ARG A 15 -9.35 14.86 -28.32
C ARG A 15 -8.79 13.45 -28.46
N VAL A 16 -9.40 12.50 -27.75
CA VAL A 16 -8.95 11.11 -27.83
C VAL A 16 -9.16 10.58 -29.25
N ALA A 17 -10.37 10.79 -29.78
CA ALA A 17 -10.72 10.33 -31.12
C ALA A 17 -9.86 10.96 -32.20
N ASP A 18 -9.57 12.25 -32.06
CA ASP A 18 -8.75 12.94 -33.06
C ASP A 18 -7.31 12.45 -33.03
N LEU A 19 -6.78 12.19 -31.85
CA LEU A 19 -5.40 11.71 -31.73
C LEU A 19 -5.26 10.27 -32.19
N LEU A 20 -6.17 9.41 -31.72
CA LEU A 20 -6.12 8.00 -32.09
C LEU A 20 -6.06 7.83 -33.60
N GLY A 21 -6.88 8.60 -34.30
CA GLY A 21 -6.92 8.52 -35.76
C GLY A 21 -5.65 8.87 -36.50
N ARG A 22 -4.72 9.53 -35.84
CA ARG A 22 -3.47 9.92 -36.50
C ARG A 22 -2.32 8.97 -36.22
N MET A 23 -2.51 8.06 -35.28
CA MET A 23 -1.45 7.14 -34.86
C MET A 23 -1.17 5.92 -35.74
N THR A 24 0.12 5.55 -35.81
CA THR A 24 0.55 4.36 -36.55
C THR A 24 0.55 3.19 -35.57
N LEU A 25 0.68 1.97 -36.08
CA LEU A 25 0.69 0.79 -35.22
C LEU A 25 1.81 0.85 -34.19
N ALA A 26 2.97 1.35 -34.60
CA ALA A 26 4.12 1.46 -33.70
C ALA A 26 3.83 2.41 -32.55
N GLU A 27 3.16 3.53 -32.85
CA GLU A 27 2.85 4.51 -31.82
C GLU A 27 1.78 3.99 -30.85
N LYS A 28 0.83 3.22 -31.35
CA LYS A 28 -0.24 2.66 -30.51
C LYS A 28 0.34 1.62 -29.55
N ILE A 29 1.15 0.70 -30.06
CA ILE A 29 1.74 -0.30 -29.20
C ILE A 29 2.67 0.38 -28.19
N GLY A 30 3.28 1.50 -28.59
CA GLY A 30 4.14 2.24 -27.69
C GLY A 30 3.38 2.69 -26.46
N GLN A 31 2.15 3.16 -26.64
CA GLN A 31 1.33 3.62 -25.52
C GLN A 31 0.96 2.50 -24.55
N MET A 32 0.94 1.26 -25.03
CA MET A 32 0.59 0.12 -24.20
C MET A 32 1.78 -0.48 -23.45
N THR A 33 2.95 0.14 -23.59
CA THR A 33 4.16 -0.36 -22.96
C THR A 33 4.68 0.47 -21.79
N GLN A 34 4.86 -0.17 -20.64
CA GLN A 34 5.40 0.50 -19.46
C GLN A 34 6.72 -0.18 -19.10
N ILE A 35 7.80 0.60 -18.99
CA ILE A 35 9.11 0.05 -18.67
C ILE A 35 9.72 0.66 -17.40
N GLU A 36 10.60 -0.10 -16.76
CA GLU A 36 11.30 0.34 -15.55
C GLU A 36 12.27 1.47 -15.92
N ARG A 37 12.47 2.39 -14.99
CA ARG A 37 13.39 3.50 -15.24
C ARG A 37 14.81 2.99 -15.48
N LEU A 38 15.14 1.86 -14.85
CA LEU A 38 16.46 1.27 -14.98
C LEU A 38 16.86 0.96 -16.43
N VAL A 39 15.88 0.68 -17.30
CA VAL A 39 16.20 0.38 -18.69
C VAL A 39 15.82 1.52 -19.63
N ALA A 40 15.48 2.68 -19.07
CA ALA A 40 15.07 3.82 -19.89
C ALA A 40 16.23 4.71 -20.31
N THR A 41 16.07 5.29 -21.49
CA THR A 41 17.04 6.19 -22.11
C THR A 41 16.25 7.16 -22.98
N PRO A 42 16.74 8.40 -23.16
CA PRO A 42 15.99 9.33 -24.00
C PRO A 42 15.72 8.70 -25.37
N ASP A 43 16.73 8.05 -25.92
CA ASP A 43 16.61 7.38 -27.22
C ASP A 43 15.56 6.27 -27.23
N VAL A 44 15.58 5.44 -26.20
CA VAL A 44 14.61 4.34 -26.11
C VAL A 44 13.18 4.85 -26.07
N LEU A 45 12.94 5.89 -25.28
CA LEU A 45 11.61 6.46 -25.14
C LEU A 45 11.13 7.10 -26.43
N ARG A 46 12.08 7.71 -27.15
CA ARG A 46 11.76 8.39 -28.39
C ARG A 46 11.53 7.41 -29.54
N ASP A 47 12.51 6.54 -29.78
CA ASP A 47 12.40 5.57 -30.87
C ASP A 47 11.27 4.55 -30.73
N ASN A 48 10.89 4.23 -29.49
CA ASN A 48 9.84 3.24 -29.26
C ASN A 48 8.47 3.80 -28.87
N PHE A 49 8.37 5.13 -28.82
CA PHE A 49 7.11 5.80 -28.47
C PHE A 49 6.51 5.29 -27.15
N ILE A 50 7.36 5.06 -26.16
CA ILE A 50 6.94 4.56 -24.85
C ILE A 50 5.83 5.42 -24.23
N GLY A 51 4.87 4.77 -23.59
CA GLY A 51 3.77 5.49 -22.98
C GLY A 51 3.84 5.68 -21.48
N SER A 52 4.60 4.83 -20.79
CA SER A 52 4.70 4.94 -19.34
C SER A 52 5.98 4.35 -18.76
N LEU A 53 6.34 4.84 -17.58
CA LEU A 53 7.52 4.40 -16.86
C LEU A 53 7.11 4.16 -15.41
N LEU A 54 7.94 3.46 -14.66
CA LEU A 54 7.68 3.22 -13.25
C LEU A 54 8.98 2.95 -12.52
N SER A 55 8.90 3.03 -11.19
CA SER A 55 10.02 2.70 -10.32
C SER A 55 9.46 1.53 -9.51
N GLY A 56 10.16 0.40 -9.54
CA GLY A 56 9.72 -0.73 -8.73
C GLY A 56 10.22 -0.43 -7.32
N GLY A 57 9.91 -1.28 -6.35
CA GLY A 57 10.38 -1.00 -5.00
C GLY A 57 11.88 -0.80 -4.96
N GLY A 58 12.32 0.28 -4.30
CA GLY A 58 13.74 0.56 -4.19
C GLY A 58 14.46 1.16 -5.40
N SER A 59 13.74 1.31 -6.52
CA SER A 59 14.33 1.88 -7.73
C SER A 59 14.35 3.41 -7.61
N VAL A 60 15.46 3.95 -7.09
CA VAL A 60 15.59 5.39 -6.89
C VAL A 60 16.78 6.02 -7.62
N PRO A 61 16.70 7.31 -7.95
CA PRO A 61 17.81 7.98 -8.65
C PRO A 61 19.14 7.92 -7.89
N ARG A 62 19.07 8.03 -6.56
CA ARG A 62 20.24 7.97 -5.68
C ARG A 62 19.74 7.74 -4.27
N LYS A 63 20.59 7.18 -3.41
CA LYS A 63 20.20 7.01 -2.02
C LYS A 63 20.21 8.43 -1.44
N GLY A 64 19.16 8.79 -0.70
CA GLY A 64 19.10 10.11 -0.11
C GLY A 64 18.77 11.24 -1.08
N ALA A 65 18.37 10.89 -2.30
CA ALA A 65 18.02 11.90 -3.31
C ALA A 65 16.94 12.85 -2.80
N THR A 66 17.09 14.14 -3.09
CA THR A 66 16.11 15.13 -2.66
C THR A 66 14.91 15.15 -3.60
N ALA A 67 13.84 15.83 -3.20
CA ALA A 67 12.64 15.89 -4.02
C ALA A 67 12.94 16.51 -5.39
N LYS A 68 13.88 17.46 -5.43
CA LYS A 68 14.23 18.07 -6.69
C LYS A 68 15.00 17.14 -7.60
N GLU A 69 15.80 16.23 -7.03
CA GLU A 69 16.52 15.27 -7.87
C GLU A 69 15.48 14.40 -8.58
N TRP A 70 14.43 14.01 -7.86
CA TRP A 70 13.36 13.19 -8.45
C TRP A 70 12.68 13.97 -9.56
N GLN A 71 12.39 15.25 -9.32
CA GLN A 71 11.74 16.08 -10.33
C GLN A 71 12.59 16.19 -11.60
N ASP A 72 13.90 16.36 -11.44
CA ASP A 72 14.77 16.47 -12.60
C ASP A 72 14.81 15.16 -13.38
N MET A 73 14.82 14.03 -12.67
CA MET A 73 14.83 12.75 -13.36
C MET A 73 13.57 12.55 -14.20
N VAL A 74 12.40 12.77 -13.58
CA VAL A 74 11.12 12.62 -14.27
C VAL A 74 11.01 13.56 -15.48
N ASP A 75 11.43 14.81 -15.31
CA ASP A 75 11.37 15.78 -16.40
C ASP A 75 12.31 15.39 -17.54
N GLY A 76 13.45 14.81 -17.20
CA GLY A 76 14.38 14.40 -18.23
C GLY A 76 13.71 13.39 -19.16
N PHE A 77 13.03 12.41 -18.58
CA PHE A 77 12.34 11.39 -19.36
C PHE A 77 11.18 12.00 -20.16
N GLN A 78 10.42 12.89 -19.53
CA GLN A 78 9.28 13.54 -20.17
C GLN A 78 9.71 14.37 -21.38
N LYS A 79 10.91 14.94 -21.30
CA LYS A 79 11.47 15.76 -22.37
C LYS A 79 11.55 14.91 -23.64
N ALA A 80 12.09 13.71 -23.49
CA ALA A 80 12.25 12.80 -24.63
C ALA A 80 10.90 12.44 -25.24
N CYS A 81 9.95 12.06 -24.39
CA CYS A 81 8.63 11.70 -24.87
C CYS A 81 7.94 12.84 -25.63
N MET A 82 8.07 14.06 -25.12
CA MET A 82 7.45 15.21 -25.76
C MET A 82 8.11 15.57 -27.09
N SER A 83 9.29 15.03 -27.34
CA SER A 83 10.01 15.32 -28.58
C SER A 83 9.63 14.38 -29.72
N THR A 84 8.65 13.50 -29.49
CA THR A 84 8.22 12.59 -30.54
C THR A 84 7.31 13.35 -31.50
N ARG A 85 7.05 12.74 -32.65
CA ARG A 85 6.20 13.33 -33.67
C ARG A 85 4.86 13.84 -33.14
N LEU A 86 4.17 13.00 -32.37
CA LEU A 86 2.87 13.38 -31.83
C LEU A 86 2.93 14.10 -30.48
N GLY A 87 4.07 14.00 -29.80
CA GLY A 87 4.24 14.67 -28.52
C GLY A 87 3.31 14.19 -27.42
N ILE A 88 3.16 12.87 -27.29
CA ILE A 88 2.30 12.31 -26.26
C ILE A 88 3.12 12.15 -24.99
N PRO A 89 2.72 12.85 -23.91
CA PRO A 89 3.46 12.76 -22.64
C PRO A 89 3.31 11.41 -21.97
N MET A 90 4.35 10.99 -21.25
CA MET A 90 4.31 9.71 -20.55
C MET A 90 3.74 9.92 -19.16
N ILE A 91 3.31 8.82 -18.54
CA ILE A 91 2.79 8.88 -17.17
C ILE A 91 3.73 8.04 -16.32
N TYR A 92 4.19 8.59 -15.20
CA TYR A 92 5.13 7.89 -14.33
C TYR A 92 4.44 7.32 -13.08
N GLY A 93 4.55 6.00 -12.88
CA GLY A 93 3.92 5.38 -11.73
C GLY A 93 4.88 4.86 -10.67
N ILE A 94 4.38 4.77 -9.44
CA ILE A 94 5.20 4.28 -8.33
C ILE A 94 4.30 3.75 -7.21
N ASP A 95 4.86 2.91 -6.36
CA ASP A 95 4.10 2.36 -5.24
C ASP A 95 4.14 3.27 -4.01
N ALA A 96 3.19 4.19 -3.91
CA ALA A 96 3.09 5.05 -2.74
C ALA A 96 1.91 4.42 -1.97
N VAL A 97 2.21 3.38 -1.19
CA VAL A 97 1.17 2.66 -0.47
C VAL A 97 0.91 3.06 0.99
N HIS A 98 1.79 3.85 1.58
CA HIS A 98 1.60 4.39 2.94
C HIS A 98 2.50 5.61 3.02
N GLY A 99 2.23 6.55 2.12
CA GLY A 99 3.01 7.77 1.97
C GLY A 99 3.88 7.52 0.75
N GLN A 100 4.67 8.50 0.32
CA GLN A 100 5.56 8.33 -0.84
C GLN A 100 6.77 7.55 -0.29
N ASN A 101 6.50 6.33 0.14
CA ASN A 101 7.46 5.44 0.79
C ASN A 101 8.81 5.07 0.18
N ASN A 102 9.02 5.29 -1.12
CA ASN A 102 10.32 4.98 -1.72
C ASN A 102 11.30 6.13 -1.53
N VAL A 103 10.76 7.29 -1.17
CA VAL A 103 11.54 8.51 -1.02
C VAL A 103 12.05 8.88 0.37
N TYR A 104 13.34 9.18 0.44
CA TYR A 104 13.98 9.59 1.68
C TYR A 104 13.32 10.87 2.19
N GLY A 105 12.95 10.89 3.46
CA GLY A 105 12.35 12.08 4.02
C GLY A 105 10.85 12.25 3.82
N ALA A 106 10.20 11.29 3.15
CA ALA A 106 8.76 11.38 2.94
C ALA A 106 8.03 10.90 4.20
N THR A 107 6.86 11.46 4.47
CA THR A 107 6.08 11.06 5.63
C THR A 107 5.63 9.60 5.45
N ILE A 108 5.84 8.76 6.46
CA ILE A 108 5.43 7.36 6.36
C ILE A 108 4.22 7.07 7.26
N PHE A 109 3.07 6.88 6.63
CA PHE A 109 1.83 6.60 7.36
C PHE A 109 1.74 5.13 7.76
N PRO A 110 0.83 4.80 8.70
CA PRO A 110 0.69 3.40 9.13
C PRO A 110 0.19 2.55 7.95
N HIS A 111 0.57 1.28 7.91
CA HIS A 111 0.09 0.41 6.84
C HIS A 111 -1.41 0.18 7.00
N ASN A 112 -2.06 -0.24 5.90
CA ASN A 112 -3.51 -0.44 5.88
C ASN A 112 -4.19 -1.23 7.01
N VAL A 113 -3.59 -2.31 7.47
CA VAL A 113 -4.23 -3.08 8.53
C VAL A 113 -4.48 -2.17 9.74
N GLY A 114 -3.52 -1.30 10.02
CA GLY A 114 -3.68 -0.40 11.15
C GLY A 114 -4.76 0.63 10.88
N LEU A 115 -4.83 1.12 9.65
CA LEU A 115 -5.84 2.12 9.28
C LEU A 115 -7.25 1.56 9.45
N GLY A 116 -7.38 0.24 9.25
CA GLY A 116 -8.68 -0.38 9.41
C GLY A 116 -9.14 -0.37 10.86
N ALA A 117 -8.17 -0.44 11.77
CA ALA A 117 -8.46 -0.43 13.19
C ALA A 117 -9.04 0.91 13.66
N THR A 118 -8.83 1.97 12.86
CA THR A 118 -9.33 3.30 13.22
C THR A 118 -10.82 3.49 12.88
N ARG A 119 -11.33 2.69 11.94
CA ARG A 119 -12.73 2.79 11.52
C ARG A 119 -13.08 4.24 11.17
N ASP A 120 -12.10 5.00 10.71
CA ASP A 120 -12.31 6.41 10.37
C ASP A 120 -12.04 6.67 8.89
N PRO A 121 -13.08 6.62 8.05
CA PRO A 121 -12.90 6.86 6.62
C PRO A 121 -12.44 8.27 6.27
N TYR A 122 -12.84 9.25 7.07
CA TYR A 122 -12.45 10.64 6.80
C TYR A 122 -10.94 10.82 6.99
N LEU A 123 -10.41 10.15 8.01
CA LEU A 123 -8.98 10.20 8.30
C LEU A 123 -8.19 9.66 7.10
N VAL A 124 -8.67 8.55 6.55
CA VAL A 124 -8.01 7.90 5.42
C VAL A 124 -8.08 8.77 4.16
N LYS A 125 -9.17 9.54 4.04
CA LYS A 125 -9.31 10.44 2.91
C LYS A 125 -8.26 11.55 3.02
N ARG A 126 -8.03 12.03 4.23
CA ARG A 126 -7.03 13.07 4.45
C ARG A 126 -5.63 12.54 4.16
N ILE A 127 -5.38 11.28 4.51
CA ILE A 127 -4.07 10.69 4.24
C ILE A 127 -3.89 10.63 2.72
N GLY A 128 -4.97 10.36 2.01
CA GLY A 128 -4.90 10.32 0.56
C GLY A 128 -4.52 11.68 0.00
N GLU A 129 -5.10 12.76 0.54
CA GLU A 129 -4.78 14.09 0.05
C GLU A 129 -3.31 14.44 0.31
N ALA A 130 -2.82 14.09 1.50
CA ALA A 130 -1.43 14.36 1.86
C ALA A 130 -0.47 13.53 1.00
N THR A 131 -0.84 12.28 0.75
CA THR A 131 -0.01 11.39 -0.06
C THR A 131 0.12 11.92 -1.49
N ALA A 132 -0.96 12.43 -2.05
CA ALA A 132 -0.92 12.98 -3.41
C ALA A 132 0.05 14.16 -3.49
N LEU A 133 -0.01 15.06 -2.50
CA LEU A 133 0.89 16.20 -2.50
C LEU A 133 2.35 15.75 -2.41
N GLU A 134 2.64 14.73 -1.61
CA GLU A 134 4.00 14.26 -1.47
C GLU A 134 4.49 13.50 -2.70
N VAL A 135 3.57 12.90 -3.45
CA VAL A 135 3.96 12.20 -4.66
C VAL A 135 4.26 13.24 -5.74
N ARG A 136 3.42 14.27 -5.81
CA ARG A 136 3.60 15.35 -6.77
C ARG A 136 4.86 16.16 -6.45
N ALA A 137 5.29 16.11 -5.19
CA ALA A 137 6.49 16.82 -4.77
C ALA A 137 7.71 16.27 -5.49
N THR A 138 7.63 15.01 -5.91
CA THR A 138 8.73 14.36 -6.61
C THR A 138 8.51 14.27 -8.11
N GLY A 139 7.50 14.97 -8.60
CA GLY A 139 7.20 14.97 -10.04
C GLY A 139 6.40 13.79 -10.59
N ILE A 140 6.04 12.85 -9.71
CA ILE A 140 5.29 11.67 -10.14
C ILE A 140 3.77 11.92 -10.14
N GLN A 141 3.07 11.34 -11.12
CA GLN A 141 1.63 11.57 -11.26
C GLN A 141 0.70 10.37 -11.11
N TYR A 142 1.25 9.20 -10.82
CA TYR A 142 0.45 7.98 -10.75
C TYR A 142 0.88 7.10 -9.58
N ALA A 143 -0.07 6.73 -8.72
CA ALA A 143 0.22 5.88 -7.56
C ALA A 143 -0.48 4.52 -7.64
N PHE A 144 0.27 3.45 -7.43
CA PHE A 144 -0.28 2.10 -7.47
C PHE A 144 -0.99 1.76 -6.14
N ALA A 145 -2.03 2.54 -5.83
CA ALA A 145 -2.80 2.37 -4.60
C ALA A 145 -4.24 2.83 -4.84
N PRO A 146 -5.20 2.35 -4.03
CA PRO A 146 -5.07 1.43 -2.90
C PRO A 146 -5.25 -0.05 -3.20
N CYS A 147 -4.64 -0.88 -2.37
CA CYS A 147 -4.80 -2.32 -2.49
C CYS A 147 -6.09 -2.56 -1.71
N ILE A 148 -7.14 -2.99 -2.39
CA ILE A 148 -8.41 -3.25 -1.73
C ILE A 148 -8.68 -4.75 -1.63
N ALA A 149 -7.61 -5.49 -1.34
CA ALA A 149 -7.73 -6.94 -1.18
C ALA A 149 -8.40 -7.19 0.16
N VAL A 150 -9.06 -8.33 0.29
CA VAL A 150 -9.72 -8.69 1.54
C VAL A 150 -8.98 -9.93 2.03
N CYS A 151 -7.94 -9.70 2.84
CA CYS A 151 -7.13 -10.79 3.38
C CYS A 151 -7.95 -11.73 4.26
N ARG A 152 -8.06 -12.98 3.85
CA ARG A 152 -8.84 -13.96 4.59
C ARG A 152 -8.01 -14.97 5.36
N ASP A 153 -6.69 -14.85 5.27
CA ASP A 153 -5.79 -15.74 5.97
C ASP A 153 -4.52 -14.95 6.28
N PRO A 154 -4.28 -14.64 7.56
CA PRO A 154 -3.10 -13.89 7.99
C PRO A 154 -1.74 -14.47 7.63
N ARG A 155 -1.72 -15.72 7.15
CA ARG A 155 -0.45 -16.33 6.78
C ARG A 155 0.10 -15.73 5.49
N TRP A 156 -0.73 -14.95 4.80
CA TRP A 156 -0.37 -14.30 3.56
C TRP A 156 0.60 -13.14 3.82
N GLY A 157 1.70 -13.10 3.07
CA GLY A 157 2.69 -12.05 3.23
C GLY A 157 2.21 -10.62 2.96
N ARG A 158 1.05 -10.47 2.34
CA ARG A 158 0.55 -9.13 2.06
C ARG A 158 -0.70 -8.77 2.83
N CYS A 159 -0.99 -9.53 3.88
CA CYS A 159 -2.17 -9.27 4.67
C CYS A 159 -2.16 -7.86 5.28
N TYR A 160 -0.98 -7.33 5.56
CA TYR A 160 -0.90 -5.99 6.15
C TYR A 160 -1.30 -4.90 5.15
N GLU A 161 -1.33 -5.24 3.86
CA GLU A 161 -1.74 -4.27 2.86
C GLU A 161 -3.25 -4.27 2.72
N SER A 162 -3.91 -5.11 3.52
CA SER A 162 -5.36 -5.22 3.51
C SER A 162 -5.98 -4.55 4.72
N TYR A 163 -7.01 -3.74 4.48
CA TYR A 163 -7.67 -3.03 5.58
C TYR A 163 -8.39 -3.93 6.59
N SER A 164 -8.88 -5.09 6.15
CA SER A 164 -9.62 -5.95 7.05
C SER A 164 -10.06 -7.27 6.40
N GLU A 165 -10.53 -8.20 7.23
CA GLU A 165 -11.01 -9.49 6.74
C GLU A 165 -12.50 -9.32 6.41
N ASP A 166 -13.08 -8.21 6.88
CA ASP A 166 -14.49 -7.88 6.65
C ASP A 166 -14.58 -6.89 5.49
N ARG A 167 -15.17 -7.33 4.37
CA ARG A 167 -15.26 -6.47 3.19
C ARG A 167 -16.04 -5.17 3.40
N ARG A 168 -16.82 -5.08 4.47
CA ARG A 168 -17.57 -3.87 4.76
C ARG A 168 -16.62 -2.75 5.16
N ILE A 169 -15.57 -3.08 5.90
CA ILE A 169 -14.61 -2.06 6.30
C ILE A 169 -13.77 -1.67 5.10
N VAL A 170 -13.37 -2.65 4.29
CA VAL A 170 -12.58 -2.35 3.10
C VAL A 170 -13.35 -1.40 2.17
N GLN A 171 -14.66 -1.59 2.05
CA GLN A 171 -15.45 -0.71 1.19
C GLN A 171 -15.45 0.73 1.69
N SER A 172 -15.60 0.92 3.00
CA SER A 172 -15.62 2.26 3.55
C SER A 172 -14.25 2.93 3.44
N MET A 173 -13.19 2.12 3.36
CA MET A 173 -11.85 2.69 3.25
C MET A 173 -11.49 3.12 1.82
N THR A 174 -12.40 2.93 0.86
CA THR A 174 -12.10 3.35 -0.51
C THR A 174 -12.09 4.88 -0.60
N GLU A 175 -12.37 5.54 0.51
CA GLU A 175 -12.36 7.00 0.56
C GLU A 175 -10.95 7.52 0.25
N LEU A 176 -9.97 6.61 0.22
CA LEU A 176 -8.61 7.02 -0.08
C LEU A 176 -8.57 7.54 -1.51
N ILE A 177 -9.36 6.91 -2.38
CA ILE A 177 -9.39 7.29 -3.79
C ILE A 177 -9.73 8.77 -4.02
N PRO A 178 -10.87 9.25 -3.50
CA PRO A 178 -11.20 10.68 -3.72
C PRO A 178 -10.19 11.61 -3.05
N GLY A 179 -9.42 11.07 -2.11
CA GLY A 179 -8.40 11.87 -1.46
C GLY A 179 -7.20 12.03 -2.39
N LEU A 180 -6.84 10.93 -3.06
CA LEU A 180 -5.72 10.91 -4.00
C LEU A 180 -6.04 11.62 -5.32
N GLN A 181 -7.25 11.42 -5.82
CA GLN A 181 -7.67 11.99 -7.11
C GLN A 181 -8.55 13.24 -7.04
N GLY A 182 -9.21 13.47 -5.92
CA GLY A 182 -10.10 14.62 -5.79
C GLY A 182 -11.53 14.11 -5.88
N ASP A 183 -12.48 14.85 -5.31
CA ASP A 183 -13.88 14.44 -5.36
C ASP A 183 -14.50 14.55 -6.74
N VAL A 184 -15.31 13.55 -7.10
CA VAL A 184 -15.98 13.53 -8.39
C VAL A 184 -17.16 14.51 -8.42
N PRO A 185 -17.43 15.10 -9.59
CA PRO A 185 -18.52 16.06 -9.77
C PRO A 185 -19.88 15.42 -9.49
N LYS A 186 -20.93 16.24 -9.43
CA LYS A 186 -22.27 15.73 -9.15
C LYS A 186 -22.83 15.01 -10.38
N ASP A 187 -22.36 15.42 -11.55
CA ASP A 187 -22.80 14.84 -12.81
C ASP A 187 -22.02 13.56 -13.12
N PHE A 188 -21.22 13.10 -12.16
CA PHE A 188 -20.38 11.93 -12.38
C PHE A 188 -21.07 10.61 -12.71
N THR A 189 -20.52 9.90 -13.69
CA THR A 189 -21.04 8.62 -14.13
C THR A 189 -20.11 7.47 -13.65
N SER A 190 -20.62 6.64 -12.76
CA SER A 190 -19.86 5.52 -12.21
C SER A 190 -19.10 4.76 -13.29
N GLY A 191 -17.80 4.57 -13.08
CA GLY A 191 -16.98 3.87 -14.05
C GLY A 191 -16.03 4.77 -14.83
N MET A 192 -16.33 6.05 -14.89
CA MET A 192 -15.46 6.99 -15.61
C MET A 192 -14.20 7.29 -14.80
N PRO A 193 -13.06 7.50 -15.47
CA PRO A 193 -11.82 7.81 -14.75
C PRO A 193 -11.83 9.30 -14.39
N PHE A 194 -11.20 9.66 -13.27
CA PHE A 194 -11.18 11.06 -12.86
C PHE A 194 -9.97 11.47 -12.03
N VAL A 195 -9.46 12.66 -12.31
CA VAL A 195 -8.34 13.26 -11.58
C VAL A 195 -8.62 14.76 -11.67
N ALA A 196 -8.62 15.44 -10.52
CA ALA A 196 -8.92 16.86 -10.49
C ALA A 196 -7.89 17.76 -11.15
N GLY A 197 -6.62 17.58 -10.84
CA GLY A 197 -5.62 18.45 -11.44
C GLY A 197 -4.18 18.13 -11.13
N LYS A 198 -3.32 19.14 -11.22
CA LYS A 198 -1.90 18.95 -10.99
C LYS A 198 -1.43 18.70 -9.56
N ASN A 199 -2.31 18.82 -8.58
CA ASN A 199 -1.89 18.52 -7.22
C ASN A 199 -2.58 17.24 -6.72
N LYS A 200 -3.01 16.44 -7.70
CA LYS A 200 -3.68 15.17 -7.45
C LYS A 200 -3.00 14.14 -8.34
N VAL A 201 -3.23 12.86 -8.08
CA VAL A 201 -2.60 11.82 -8.88
C VAL A 201 -3.62 10.75 -9.28
N ALA A 202 -3.34 10.01 -10.33
CA ALA A 202 -4.24 8.94 -10.75
C ALA A 202 -4.05 7.79 -9.77
N ALA A 203 -5.14 7.15 -9.36
CA ALA A 203 -5.05 6.05 -8.41
C ALA A 203 -5.17 4.69 -9.11
N CYS A 204 -5.03 3.62 -8.35
CA CYS A 204 -5.10 2.28 -8.92
C CYS A 204 -5.60 1.24 -7.92
N ALA A 205 -6.80 0.71 -8.16
CA ALA A 205 -7.36 -0.32 -7.29
C ALA A 205 -6.72 -1.65 -7.66
N LYS A 206 -6.17 -2.35 -6.68
CA LYS A 206 -5.52 -3.63 -6.94
C LYS A 206 -5.75 -4.63 -5.80
N HIS A 207 -5.65 -5.93 -6.07
CA HIS A 207 -5.37 -6.53 -7.37
C HIS A 207 -6.62 -7.31 -7.76
N PHE A 208 -7.12 -7.05 -8.97
CA PHE A 208 -8.34 -7.68 -9.49
C PHE A 208 -8.10 -9.15 -9.86
N VAL A 209 -8.73 -10.10 -9.18
CA VAL A 209 -9.65 -9.94 -8.08
C VAL A 209 -9.50 -11.19 -7.20
N GLY A 210 -9.79 -11.05 -5.91
CA GLY A 210 -9.67 -12.18 -5.00
C GLY A 210 -8.25 -12.50 -4.58
N ASP A 211 -7.37 -11.51 -4.64
CA ASP A 211 -5.97 -11.70 -4.26
C ASP A 211 -5.77 -12.06 -2.78
N GLY A 212 -6.69 -11.64 -1.92
CA GLY A 212 -6.54 -11.95 -0.51
C GLY A 212 -7.25 -13.23 -0.08
N GLY A 213 -7.69 -14.04 -1.05
CA GLY A 213 -8.38 -15.26 -0.69
C GLY A 213 -7.73 -16.55 -1.19
N THR A 214 -6.42 -16.53 -1.38
CA THR A 214 -5.74 -17.73 -1.86
C THR A 214 -5.66 -18.82 -0.79
N VAL A 215 -5.45 -20.06 -1.25
CA VAL A 215 -5.37 -21.21 -0.36
C VAL A 215 -4.18 -21.12 0.59
N ASP A 216 -4.46 -21.29 1.89
CA ASP A 216 -3.44 -21.21 2.93
C ASP A 216 -2.65 -19.90 2.89
N GLY A 217 -3.25 -18.88 2.27
CA GLY A 217 -2.61 -17.59 2.17
C GLY A 217 -1.31 -17.60 1.39
N ILE A 218 -1.19 -18.52 0.44
CA ILE A 218 0.01 -18.59 -0.38
C ILE A 218 -0.05 -17.46 -1.41
N ASN A 219 0.98 -16.62 -1.43
CA ASN A 219 1.02 -15.49 -2.35
C ASN A 219 0.98 -15.93 -3.82
N GLU A 220 0.18 -15.21 -4.61
CA GLU A 220 0.06 -15.48 -6.04
C GLU A 220 -0.53 -16.84 -6.42
N ASN A 221 -1.03 -17.60 -5.44
CA ASN A 221 -1.56 -18.93 -5.73
C ASN A 221 -3.00 -18.98 -6.25
N ASN A 222 -3.74 -20.02 -5.88
CA ASN A 222 -5.11 -20.19 -6.33
C ASN A 222 -6.20 -19.86 -5.32
N THR A 223 -7.21 -19.12 -5.76
CA THR A 223 -8.35 -18.74 -4.93
C THR A 223 -9.51 -19.68 -5.29
N ILE A 224 -9.74 -20.67 -4.43
CA ILE A 224 -10.80 -21.65 -4.66
C ILE A 224 -12.10 -21.30 -3.94
N ILE A 225 -13.05 -20.75 -4.68
CA ILE A 225 -14.34 -20.35 -4.12
C ILE A 225 -15.35 -20.25 -5.25
N ASN A 226 -16.64 -20.32 -4.91
CA ASN A 226 -17.68 -20.23 -5.93
C ASN A 226 -17.89 -18.79 -6.35
N ARG A 227 -18.54 -18.59 -7.50
CA ARG A 227 -18.79 -17.25 -8.02
C ARG A 227 -19.55 -16.37 -7.03
N GLU A 228 -20.57 -16.92 -6.39
CA GLU A 228 -21.34 -16.13 -5.44
C GLU A 228 -20.49 -15.62 -4.28
N GLY A 229 -19.59 -16.46 -3.79
CA GLY A 229 -18.71 -16.06 -2.68
C GLY A 229 -17.70 -15.03 -3.16
N LEU A 230 -17.30 -15.15 -4.42
CA LEU A 230 -16.34 -14.23 -5.02
C LEU A 230 -17.01 -12.87 -5.13
N MET A 231 -18.29 -12.88 -5.50
CA MET A 231 -19.06 -11.67 -5.69
C MET A 231 -19.51 -10.93 -4.43
N ASN A 232 -19.61 -11.62 -3.29
CA ASN A 232 -20.03 -10.90 -2.08
C ASN A 232 -18.91 -10.63 -1.07
N ILE A 233 -17.73 -11.19 -1.32
CA ILE A 233 -16.59 -10.98 -0.44
C ILE A 233 -15.48 -10.16 -1.11
N HIS A 234 -14.97 -10.66 -2.23
CA HIS A 234 -13.87 -9.99 -2.93
C HIS A 234 -14.19 -8.93 -3.98
N MET A 235 -15.41 -8.91 -4.50
CA MET A 235 -15.79 -7.96 -5.54
C MET A 235 -16.39 -6.62 -5.12
N PRO A 236 -17.23 -6.60 -4.06
CA PRO A 236 -17.87 -5.37 -3.58
C PRO A 236 -17.08 -4.05 -3.61
N ALA A 237 -15.88 -4.06 -3.04
CA ALA A 237 -15.05 -2.85 -2.99
C ALA A 237 -14.76 -2.26 -4.38
N TYR A 238 -14.70 -3.10 -5.41
CA TYR A 238 -14.43 -2.62 -6.75
C TYR A 238 -15.55 -1.77 -7.32
N LYS A 239 -16.78 -2.08 -6.92
CA LYS A 239 -17.93 -1.32 -7.38
C LYS A 239 -17.88 0.07 -6.74
N ASN A 240 -17.43 0.13 -5.49
CA ASN A 240 -17.31 1.40 -4.79
C ASN A 240 -16.25 2.25 -5.50
N ALA A 241 -15.13 1.61 -5.84
CA ALA A 241 -14.05 2.30 -6.53
C ALA A 241 -14.58 2.95 -7.81
N MET A 242 -15.46 2.25 -8.51
CA MET A 242 -16.06 2.75 -9.74
C MET A 242 -16.86 4.03 -9.50
N ASP A 243 -17.65 4.05 -8.44
CA ASP A 243 -18.47 5.22 -8.10
C ASP A 243 -17.61 6.42 -7.74
N LYS A 244 -16.36 6.17 -7.37
CA LYS A 244 -15.45 7.25 -6.99
C LYS A 244 -14.45 7.61 -8.10
N GLY A 245 -14.68 7.08 -9.29
CA GLY A 245 -13.84 7.38 -10.44
C GLY A 245 -12.40 6.89 -10.44
N VAL A 246 -12.12 5.75 -9.81
CA VAL A 246 -10.76 5.22 -9.80
C VAL A 246 -10.28 5.17 -11.27
N SER A 247 -9.13 5.78 -11.54
CA SER A 247 -8.58 5.87 -12.90
C SER A 247 -8.07 4.59 -13.57
N THR A 248 -7.48 3.68 -12.79
CA THR A 248 -6.95 2.43 -13.34
C THR A 248 -7.21 1.27 -12.39
N VAL A 249 -7.00 0.05 -12.90
CA VAL A 249 -7.17 -1.18 -12.12
C VAL A 249 -6.03 -2.13 -12.52
N MET A 250 -5.36 -2.71 -11.52
CA MET A 250 -4.26 -3.64 -11.77
C MET A 250 -4.74 -5.08 -11.57
N ILE A 251 -4.35 -5.98 -12.48
CA ILE A 251 -4.74 -7.39 -12.39
C ILE A 251 -3.82 -8.20 -11.48
N SER A 252 -4.41 -9.12 -10.72
CA SER A 252 -3.66 -9.96 -9.77
C SER A 252 -2.92 -11.13 -10.42
N TYR A 253 -1.85 -11.58 -9.76
CA TYR A 253 -1.06 -12.72 -10.22
C TYR A 253 -1.83 -14.01 -9.97
N SER A 254 -2.69 -13.98 -8.94
CA SER A 254 -3.48 -15.14 -8.55
C SER A 254 -4.45 -15.65 -9.61
N SER A 255 -5.00 -16.84 -9.35
CA SER A 255 -5.95 -17.49 -10.24
C SER A 255 -7.26 -17.71 -9.50
N TRP A 256 -8.35 -17.80 -10.25
CA TRP A 256 -9.65 -18.08 -9.66
C TRP A 256 -10.10 -19.43 -10.18
N ASN A 257 -10.24 -20.39 -9.26
CA ASN A 257 -10.63 -21.74 -9.60
C ASN A 257 -9.81 -22.27 -10.78
N GLY A 258 -8.50 -22.11 -10.70
CA GLY A 258 -7.61 -22.60 -11.74
C GLY A 258 -7.31 -21.68 -12.91
N VAL A 259 -8.13 -20.65 -13.11
CA VAL A 259 -7.89 -19.73 -14.22
C VAL A 259 -7.09 -18.49 -13.83
N LYS A 260 -5.96 -18.28 -14.50
CA LYS A 260 -5.10 -17.11 -14.26
C LYS A 260 -5.87 -15.81 -14.53
N MET A 261 -5.87 -14.91 -13.56
CA MET A 261 -6.56 -13.63 -13.73
C MET A 261 -6.02 -12.83 -14.91
N HIS A 262 -4.74 -12.97 -15.21
CA HIS A 262 -4.12 -12.25 -16.34
C HIS A 262 -4.56 -12.79 -17.70
N ALA A 263 -5.37 -13.85 -17.70
CA ALA A 263 -5.85 -14.44 -18.94
C ALA A 263 -7.35 -14.71 -18.87
N ASN A 264 -8.00 -14.15 -17.85
CA ASN A 264 -9.43 -14.36 -17.67
C ASN A 264 -10.28 -13.29 -18.35
N GLN A 265 -10.74 -13.59 -19.55
CA GLN A 265 -11.55 -12.64 -20.31
C GLN A 265 -12.96 -12.46 -19.76
N ASP A 266 -13.48 -13.49 -19.09
CA ASP A 266 -14.82 -13.42 -18.51
C ASP A 266 -14.91 -12.30 -17.48
N LEU A 267 -13.96 -12.27 -16.56
CA LEU A 267 -13.92 -11.25 -15.50
C LEU A 267 -13.36 -9.90 -15.91
N VAL A 268 -12.26 -9.90 -16.67
CA VAL A 268 -11.65 -8.64 -17.09
C VAL A 268 -12.48 -7.83 -18.09
N THR A 269 -12.88 -8.45 -19.19
CA THR A 269 -13.67 -7.76 -20.21
C THR A 269 -15.17 -7.90 -19.90
N GLY A 270 -15.60 -9.14 -19.70
CA GLY A 270 -16.99 -9.43 -19.43
C GLY A 270 -17.61 -8.75 -18.22
N TYR A 271 -16.90 -8.79 -17.09
CA TYR A 271 -17.45 -8.17 -15.88
C TYR A 271 -16.96 -6.74 -15.64
N LEU A 272 -15.65 -6.58 -15.48
CA LEU A 272 -15.09 -5.26 -15.20
C LEU A 272 -15.44 -4.18 -16.23
N LYS A 273 -15.19 -4.46 -17.50
CA LYS A 273 -15.48 -3.48 -18.55
C LYS A 273 -16.93 -3.43 -19.03
N ASP A 274 -17.52 -4.58 -19.36
CA ASP A 274 -18.89 -4.58 -19.86
C ASP A 274 -19.99 -4.44 -18.82
N THR A 275 -19.81 -5.03 -17.64
CA THR A 275 -20.83 -4.93 -16.60
C THR A 275 -20.67 -3.75 -15.66
N LEU A 276 -19.46 -3.55 -15.14
CA LEU A 276 -19.22 -2.43 -14.23
C LEU A 276 -18.99 -1.13 -14.99
N LYS A 277 -18.88 -1.23 -16.32
CA LYS A 277 -18.69 -0.06 -17.17
C LYS A 277 -17.40 0.70 -16.91
N PHE A 278 -16.34 0.00 -16.50
CA PHE A 278 -15.08 0.67 -16.25
C PHE A 278 -14.54 1.28 -17.54
N LYS A 279 -14.24 2.58 -17.49
CA LYS A 279 -13.74 3.31 -18.64
C LYS A 279 -12.27 3.75 -18.57
N GLY A 280 -11.60 3.42 -17.47
CA GLY A 280 -10.19 3.78 -17.36
C GLY A 280 -9.41 2.68 -18.03
N PHE A 281 -8.11 2.54 -17.75
CA PHE A 281 -7.36 1.47 -18.37
C PHE A 281 -6.91 0.40 -17.39
N VAL A 282 -6.80 -0.82 -17.88
CA VAL A 282 -6.39 -1.97 -17.07
C VAL A 282 -4.90 -2.26 -17.27
N ILE A 283 -4.18 -2.35 -16.16
CA ILE A 283 -2.74 -2.62 -16.22
C ILE A 283 -2.40 -3.93 -15.53
N SER A 284 -1.38 -4.61 -16.05
CA SER A 284 -0.94 -5.89 -15.49
C SER A 284 -0.01 -5.65 -14.30
N ASP A 285 0.35 -6.72 -13.61
CA ASP A 285 1.28 -6.60 -12.49
C ASP A 285 2.67 -6.85 -13.07
N TRP A 286 3.70 -6.72 -12.22
CA TRP A 286 5.09 -6.90 -12.65
C TRP A 286 5.35 -8.29 -13.23
N GLU A 287 5.59 -8.34 -14.55
CA GLU A 287 5.81 -9.59 -15.26
C GLU A 287 4.62 -10.51 -15.03
N GLY A 288 3.43 -9.92 -15.00
CA GLY A 288 2.22 -10.69 -14.79
C GLY A 288 1.88 -11.66 -15.91
N ILE A 289 2.08 -11.24 -17.15
CA ILE A 289 1.76 -12.13 -18.26
C ILE A 289 2.75 -13.28 -18.40
N ASP A 290 4.00 -13.04 -17.98
CA ASP A 290 5.04 -14.07 -18.04
C ASP A 290 4.64 -15.26 -17.18
N ARG A 291 4.02 -14.97 -16.04
CA ARG A 291 3.61 -15.99 -15.08
C ARG A 291 2.28 -16.65 -15.39
N ILE A 292 1.78 -16.43 -16.62
CA ILE A 292 0.53 -17.05 -17.04
C ILE A 292 0.84 -18.51 -17.36
N THR A 293 2.09 -18.75 -17.73
CA THR A 293 2.54 -20.10 -18.07
C THR A 293 3.46 -20.63 -16.98
N THR A 294 3.77 -21.91 -17.05
CA THR A 294 4.64 -22.53 -16.09
C THR A 294 5.58 -23.52 -16.76
N PRO A 295 6.90 -23.29 -16.66
CA PRO A 295 7.49 -22.16 -15.92
C PRO A 295 7.10 -20.80 -16.51
N ALA A 296 7.38 -19.74 -15.76
CA ALA A 296 7.07 -18.39 -16.19
C ALA A 296 7.96 -17.96 -17.35
N GLY A 297 7.38 -17.20 -18.28
CA GLY A 297 8.14 -16.72 -19.43
C GLY A 297 8.59 -17.80 -20.39
N SER A 298 8.01 -19.00 -20.31
CA SER A 298 8.41 -20.09 -21.18
C SER A 298 7.72 -20.07 -22.55
N ASP A 299 6.70 -19.24 -22.71
CA ASP A 299 5.99 -19.12 -23.98
C ASP A 299 5.45 -17.69 -24.04
N TYR A 300 6.36 -16.73 -24.12
CA TYR A 300 5.99 -15.32 -24.14
C TYR A 300 4.99 -14.98 -25.24
N SER A 301 5.13 -15.59 -26.41
CA SER A 301 4.21 -15.33 -27.51
C SER A 301 2.76 -15.60 -27.07
N TYR A 302 2.56 -16.68 -26.35
CA TYR A 302 1.24 -17.04 -25.86
C TYR A 302 0.81 -16.09 -24.72
N SER A 303 1.77 -15.66 -23.91
CA SER A 303 1.45 -14.73 -22.82
C SER A 303 0.88 -13.42 -23.37
N VAL A 304 1.51 -12.88 -24.40
CA VAL A 304 1.05 -11.63 -25.02
C VAL A 304 -0.35 -11.81 -25.61
N LYS A 305 -0.51 -12.87 -26.39
CA LYS A 305 -1.79 -13.18 -27.03
C LYS A 305 -2.94 -13.36 -26.04
N ALA A 306 -2.70 -14.14 -24.99
CA ALA A 306 -3.74 -14.40 -24.00
C ALA A 306 -4.12 -13.19 -23.16
N SER A 307 -3.14 -12.45 -22.67
CA SER A 307 -3.42 -11.28 -21.84
C SER A 307 -4.10 -10.14 -22.60
N ILE A 308 -3.61 -9.84 -23.80
CA ILE A 308 -4.20 -8.77 -24.59
C ILE A 308 -5.63 -9.11 -25.05
N LEU A 309 -5.87 -10.37 -25.39
CA LEU A 309 -7.20 -10.78 -25.81
C LEU A 309 -8.12 -10.87 -24.59
N ALA A 310 -7.53 -11.14 -23.43
CA ALA A 310 -8.30 -11.22 -22.19
C ALA A 310 -8.86 -9.83 -21.87
N GLY A 311 -8.15 -8.79 -22.32
CA GLY A 311 -8.62 -7.44 -22.09
C GLY A 311 -7.68 -6.44 -21.41
N LEU A 312 -6.43 -6.81 -21.16
CA LEU A 312 -5.53 -5.85 -20.52
C LEU A 312 -5.23 -4.70 -21.48
N ASP A 313 -4.92 -3.52 -20.92
CA ASP A 313 -4.66 -2.34 -21.74
C ASP A 313 -3.20 -1.89 -21.75
N MET A 314 -2.57 -1.90 -20.58
CA MET A 314 -1.17 -1.50 -20.47
C MET A 314 -0.42 -2.66 -19.85
N ILE A 315 0.79 -2.90 -20.33
CA ILE A 315 1.60 -4.00 -19.82
C ILE A 315 2.85 -3.54 -19.09
N MET A 316 2.96 -3.91 -17.83
CA MET A 316 4.15 -3.58 -17.02
C MET A 316 5.12 -4.70 -17.39
N VAL A 317 5.87 -4.50 -18.46
CA VAL A 317 6.79 -5.52 -18.98
C VAL A 317 7.69 -6.23 -17.97
N PRO A 318 8.62 -5.50 -17.31
CA PRO A 318 8.95 -4.09 -17.38
C PRO A 318 10.34 -3.83 -17.95
N ASN A 319 11.09 -4.89 -18.25
CA ASN A 319 12.45 -4.73 -18.77
C ASN A 319 12.65 -5.08 -20.24
N LYS A 320 12.21 -6.26 -20.64
CA LYS A 320 12.38 -6.71 -22.01
C LYS A 320 11.30 -6.17 -22.95
N TYR A 321 11.33 -4.86 -23.16
CA TYR A 321 10.37 -4.18 -24.02
C TYR A 321 10.49 -4.50 -25.50
N GLN A 322 11.71 -4.80 -25.97
CA GLN A 322 11.90 -5.12 -27.37
C GLN A 322 11.12 -6.38 -27.77
N GLN A 323 11.19 -7.40 -26.92
CA GLN A 323 10.49 -8.65 -27.20
C GLN A 323 8.98 -8.44 -27.16
N PHE A 324 8.50 -7.69 -26.16
CA PHE A 324 7.08 -7.44 -26.06
C PHE A 324 6.55 -6.76 -27.32
N ILE A 325 7.16 -5.63 -27.68
CA ILE A 325 6.74 -4.88 -28.86
C ILE A 325 6.83 -5.68 -30.15
N SER A 326 7.90 -6.45 -30.31
CA SER A 326 8.09 -7.28 -31.51
C SER A 326 7.01 -8.34 -31.62
N ILE A 327 6.80 -9.07 -30.53
CA ILE A 327 5.78 -10.12 -30.52
C ILE A 327 4.38 -9.58 -30.72
N LEU A 328 4.04 -8.48 -30.05
CA LEU A 328 2.71 -7.90 -30.20
C LEU A 328 2.48 -7.42 -31.63
N THR A 329 3.50 -6.80 -32.23
CA THR A 329 3.38 -6.32 -33.60
C THR A 329 3.15 -7.51 -34.54
N GLY A 330 3.87 -8.60 -34.32
CA GLY A 330 3.71 -9.78 -35.13
C GLY A 330 2.28 -10.32 -35.12
N HIS A 331 1.67 -10.37 -33.93
CA HIS A 331 0.31 -10.87 -33.80
C HIS A 331 -0.71 -10.02 -34.54
N VAL A 332 -0.52 -8.70 -34.50
CA VAL A 332 -1.43 -7.79 -35.20
C VAL A 332 -1.25 -7.97 -36.71
N ASN A 333 -0.02 -7.88 -37.19
CA ASN A 333 0.22 -8.05 -38.63
C ASN A 333 -0.32 -9.38 -39.14
N GLY A 334 -0.29 -10.40 -38.28
CA GLY A 334 -0.77 -11.72 -38.66
C GLY A 334 -2.27 -11.90 -38.49
N GLY A 335 -2.94 -10.87 -37.97
CA GLY A 335 -4.38 -10.95 -37.79
C GLY A 335 -4.84 -11.73 -36.56
N VAL A 336 -3.90 -12.22 -35.76
CA VAL A 336 -4.25 -12.99 -34.56
C VAL A 336 -4.95 -12.11 -33.52
N ILE A 337 -4.62 -10.83 -33.50
CA ILE A 337 -5.24 -9.87 -32.58
C ILE A 337 -5.78 -8.73 -33.44
N PRO A 338 -7.09 -8.48 -33.37
CA PRO A 338 -7.70 -7.41 -34.16
C PRO A 338 -7.28 -5.99 -33.76
N MET A 339 -7.31 -5.09 -34.73
CA MET A 339 -6.95 -3.70 -34.50
C MET A 339 -7.91 -3.03 -33.53
N SER A 340 -9.15 -3.50 -33.48
CA SER A 340 -10.15 -2.90 -32.60
C SER A 340 -9.77 -3.05 -31.12
N ARG A 341 -9.12 -4.17 -30.77
CA ARG A 341 -8.67 -4.44 -29.40
C ARG A 341 -7.56 -3.43 -29.05
N ILE A 342 -6.63 -3.26 -29.99
CA ILE A 342 -5.54 -2.31 -29.81
C ILE A 342 -6.12 -0.90 -29.64
N ASP A 343 -7.02 -0.52 -30.53
CA ASP A 343 -7.65 0.80 -30.48
C ASP A 343 -8.37 1.02 -29.15
N ASP A 344 -8.98 -0.03 -28.63
CA ASP A 344 -9.70 0.05 -27.35
C ASP A 344 -8.73 0.36 -26.22
N ALA A 345 -7.61 -0.35 -26.18
CA ALA A 345 -6.58 -0.15 -25.15
C ALA A 345 -6.01 1.27 -25.17
N VAL A 346 -5.62 1.72 -26.36
CA VAL A 346 -5.04 3.05 -26.52
C VAL A 346 -6.05 4.16 -26.20
N THR A 347 -7.32 3.90 -26.49
CA THR A 347 -8.39 4.87 -26.22
C THR A 347 -8.48 5.09 -24.70
N ARG A 348 -8.44 3.99 -23.96
CA ARG A 348 -8.53 4.05 -22.51
C ARG A 348 -7.32 4.73 -21.88
N ILE A 349 -6.12 4.43 -22.39
CA ILE A 349 -4.91 5.03 -21.87
C ILE A 349 -4.88 6.55 -22.13
N LEU A 350 -5.33 6.95 -23.32
CA LEU A 350 -5.35 8.36 -23.68
C LEU A 350 -6.45 9.11 -22.91
N ARG A 351 -7.58 8.45 -22.67
CA ARG A 351 -8.68 9.08 -21.94
C ARG A 351 -8.20 9.53 -20.56
N VAL A 352 -7.45 8.67 -19.88
CA VAL A 352 -6.91 8.97 -18.56
C VAL A 352 -5.90 10.11 -18.60
N LYS A 353 -5.01 10.09 -19.58
CA LYS A 353 -4.01 11.15 -19.71
C LYS A 353 -4.63 12.51 -20.00
N PHE A 354 -5.59 12.54 -20.92
CA PHE A 354 -6.24 13.80 -21.25
C PHE A 354 -7.05 14.32 -20.07
N THR A 355 -7.75 13.43 -19.37
CA THR A 355 -8.58 13.81 -18.24
C THR A 355 -7.81 14.42 -17.07
N MET A 356 -6.63 13.89 -16.77
CA MET A 356 -5.85 14.40 -15.66
C MET A 356 -5.05 15.65 -16.01
N GLY A 357 -5.21 16.14 -17.24
CA GLY A 357 -4.50 17.34 -17.65
C GLY A 357 -3.03 17.17 -17.99
N LEU A 358 -2.63 15.94 -18.32
CA LEU A 358 -1.24 15.65 -18.66
C LEU A 358 -0.71 16.45 -19.85
N PHE A 359 -1.52 16.56 -20.91
CA PHE A 359 -1.10 17.31 -22.09
C PHE A 359 -0.90 18.80 -21.80
N GLU A 360 -1.62 19.34 -20.82
CA GLU A 360 -1.48 20.75 -20.48
C GLU A 360 -0.38 20.99 -19.45
N ASN A 361 -0.12 20.00 -18.59
CA ASN A 361 0.93 20.11 -17.58
C ASN A 361 1.78 18.85 -17.54
N PRO A 362 2.65 18.69 -18.54
CA PRO A 362 3.51 17.50 -18.59
C PRO A 362 4.70 17.49 -17.64
N TYR A 363 5.15 18.66 -17.19
CA TYR A 363 6.32 18.73 -16.32
C TYR A 363 6.02 19.01 -14.85
N ALA A 364 7.02 18.76 -14.02
CA ALA A 364 6.91 18.95 -12.57
C ALA A 364 6.85 20.40 -12.15
N ASP A 365 6.30 20.63 -10.96
CA ASP A 365 6.20 21.96 -10.40
C ASP A 365 7.29 22.09 -9.34
N PRO A 366 8.33 22.88 -9.61
CA PRO A 366 9.40 23.03 -8.63
C PRO A 366 8.92 23.52 -7.26
N ALA A 367 7.80 24.24 -7.24
CA ALA A 367 7.25 24.77 -5.99
C ALA A 367 6.69 23.69 -5.09
N MET A 368 6.29 22.56 -5.65
CA MET A 368 5.73 21.45 -4.87
C MET A 368 6.75 20.69 -4.01
N ALA A 369 8.02 20.91 -4.28
CA ALA A 369 9.10 20.23 -3.56
C ALA A 369 9.01 20.36 -2.03
N GLU A 370 8.58 21.52 -1.55
CA GLU A 370 8.46 21.77 -0.12
C GLU A 370 7.39 20.92 0.57
N GLN A 371 6.57 20.24 -0.22
CA GLN A 371 5.51 19.40 0.32
C GLN A 371 6.04 18.09 0.91
N LEU A 372 7.22 17.67 0.47
CA LEU A 372 7.79 16.42 0.96
C LEU A 372 8.08 16.44 2.47
N GLY A 373 7.40 15.56 3.19
CA GLY A 373 7.58 15.46 4.63
C GLY A 373 7.26 16.69 5.47
N LYS A 374 6.31 17.51 5.05
CA LYS A 374 5.99 18.70 5.85
C LYS A 374 5.31 18.32 7.16
N GLN A 375 5.54 19.15 8.17
CA GLN A 375 5.02 18.91 9.52
C GLN A 375 3.52 18.61 9.60
N GLU A 376 2.70 19.33 8.85
CA GLU A 376 1.26 19.07 8.87
C GLU A 376 0.97 17.61 8.52
N HIS A 377 1.71 17.05 7.57
CA HIS A 377 1.52 15.65 7.19
C HIS A 377 1.98 14.72 8.31
N ARG A 378 3.10 15.05 8.95
CA ARG A 378 3.60 14.24 10.05
C ARG A 378 2.60 14.27 11.22
N ASP A 379 1.97 15.42 11.46
CA ASP A 379 0.98 15.50 12.54
C ASP A 379 -0.20 14.57 12.20
N LEU A 380 -0.53 14.49 10.91
CA LEU A 380 -1.61 13.62 10.46
C LEU A 380 -1.24 12.15 10.67
N ALA A 381 0.00 11.79 10.34
CA ALA A 381 0.46 10.42 10.51
C ALA A 381 0.44 10.07 11.99
N ARG A 382 0.85 11.03 12.82
CA ARG A 382 0.86 10.85 14.26
C ARG A 382 -0.56 10.53 14.75
N GLU A 383 -1.53 11.30 14.28
CA GLU A 383 -2.93 11.08 14.65
C GLU A 383 -3.40 9.69 14.19
N ALA A 384 -2.94 9.27 13.01
CA ALA A 384 -3.35 7.97 12.46
C ALA A 384 -2.76 6.81 13.26
N ALA A 385 -1.49 6.92 13.60
CA ALA A 385 -0.82 5.88 14.37
C ALA A 385 -1.52 5.69 15.71
N ARG A 386 -1.80 6.81 16.40
CA ARG A 386 -2.47 6.75 17.69
C ARG A 386 -3.84 6.10 17.64
N LYS A 387 -4.64 6.44 16.64
CA LYS A 387 -5.97 5.88 16.48
C LYS A 387 -5.97 4.43 16.00
N SER A 388 -4.82 3.93 15.56
CA SER A 388 -4.73 2.55 15.08
C SER A 388 -4.33 1.56 16.18
N LEU A 389 -3.90 2.07 17.33
CA LEU A 389 -3.49 1.21 18.43
C LEU A 389 -4.67 0.50 19.06
N VAL A 390 -4.54 -0.81 19.28
CA VAL A 390 -5.61 -1.59 19.91
C VAL A 390 -5.11 -2.11 21.26
N LEU A 391 -5.77 -1.68 22.34
CA LEU A 391 -5.42 -2.13 23.68
C LEU A 391 -6.07 -3.48 23.94
N LEU A 392 -5.26 -4.52 24.12
CA LEU A 392 -5.77 -5.87 24.33
C LEU A 392 -5.87 -6.32 25.78
N LYS A 393 -5.04 -5.71 26.63
CA LYS A 393 -5.03 -6.07 28.05
C LYS A 393 -4.45 -4.93 28.87
N ASN A 394 -5.11 -4.60 29.97
CA ASN A 394 -4.65 -3.52 30.84
C ASN A 394 -4.79 -3.93 32.32
N GLY A 395 -3.86 -4.76 32.79
CA GLY A 395 -3.88 -5.25 34.16
C GLY A 395 -3.91 -6.76 34.10
N LYS A 396 -3.05 -7.44 34.85
CA LYS A 396 -3.02 -8.91 34.81
C LYS A 396 -4.31 -9.58 35.26
N THR A 397 -4.93 -9.08 36.30
CA THR A 397 -6.19 -9.66 36.76
C THR A 397 -7.23 -8.56 36.83
N SER A 398 -8.50 -8.93 36.84
CA SER A 398 -9.57 -7.94 36.88
C SER A 398 -9.59 -7.10 38.16
N THR A 399 -8.77 -7.47 39.14
CA THR A 399 -8.71 -6.70 40.38
C THR A 399 -7.44 -5.84 40.45
N ASP A 400 -6.58 -6.01 39.45
CA ASP A 400 -5.33 -5.25 39.38
C ASP A 400 -5.61 -3.80 39.01
N ALA A 401 -4.70 -2.92 39.36
CA ALA A 401 -4.82 -1.50 39.02
C ALA A 401 -4.47 -1.40 37.54
N PRO A 402 -5.11 -0.47 36.82
CA PRO A 402 -4.80 -0.31 35.39
C PRO A 402 -3.40 0.29 35.25
N LEU A 403 -2.57 -0.32 34.40
CA LEU A 403 -1.21 0.20 34.20
C LEU A 403 -1.23 1.44 33.31
N LEU A 404 -2.08 1.44 32.29
CA LEU A 404 -2.20 2.57 31.38
C LEU A 404 -3.43 3.40 31.72
N PRO A 405 -3.33 4.74 31.61
CA PRO A 405 -2.15 5.48 31.18
C PRO A 405 -1.04 5.56 32.25
N LEU A 406 0.19 5.67 31.78
CA LEU A 406 1.36 5.77 32.63
C LEU A 406 1.62 7.22 32.99
N PRO A 407 2.23 7.46 34.16
CA PRO A 407 2.55 8.82 34.60
C PRO A 407 3.82 9.30 33.90
N LYS A 408 3.84 10.59 33.52
CA LYS A 408 4.99 11.17 32.84
C LYS A 408 6.12 11.48 33.82
N LYS A 409 5.80 11.50 35.11
CA LYS A 409 6.80 11.78 36.13
C LYS A 409 7.03 10.58 37.05
N ALA A 410 8.23 10.04 37.01
CA ALA A 410 8.63 8.89 37.82
C ALA A 410 10.14 8.98 38.05
N PRO A 411 10.64 8.39 39.15
CA PRO A 411 12.07 8.45 39.42
C PRO A 411 12.92 7.92 38.26
N LYS A 412 12.63 6.69 37.83
CA LYS A 412 13.37 6.07 36.76
C LYS A 412 12.53 5.01 36.02
N ILE A 413 12.65 4.96 34.69
CA ILE A 413 11.90 3.99 33.91
C ILE A 413 12.78 3.26 32.91
N LEU A 414 12.30 2.12 32.41
CA LEU A 414 13.07 1.31 31.46
C LEU A 414 12.39 1.13 30.11
N VAL A 415 13.14 1.36 29.04
CA VAL A 415 12.62 1.15 27.68
C VAL A 415 13.49 0.03 27.11
N ALA A 416 12.87 -1.07 26.69
CA ALA A 416 13.62 -2.20 26.17
C ALA A 416 13.01 -2.85 24.95
N GLY A 417 13.81 -3.70 24.30
CA GLY A 417 13.30 -4.42 23.15
C GLY A 417 13.96 -4.08 21.82
N SER A 418 13.92 -5.06 20.93
CA SER A 418 14.49 -4.94 19.59
C SER A 418 13.78 -3.88 18.74
N HIS A 419 12.52 -3.59 19.04
CA HIS A 419 11.74 -2.62 18.26
C HIS A 419 11.57 -1.25 18.93
N ALA A 420 12.26 -1.04 20.05
CA ALA A 420 12.13 0.21 20.78
C ALA A 420 12.90 1.38 20.15
N ASP A 421 13.94 1.07 19.39
CA ASP A 421 14.75 2.11 18.78
C ASP A 421 15.23 1.68 17.39
N ASN A 422 14.29 1.34 16.52
CA ASN A 422 14.59 0.89 15.16
C ASN A 422 13.50 1.39 14.21
N LEU A 423 13.76 2.53 13.57
CA LEU A 423 12.80 3.14 12.66
C LEU A 423 12.34 2.19 11.55
N GLY A 424 13.28 1.43 11.00
CA GLY A 424 12.96 0.49 9.93
C GLY A 424 11.95 -0.57 10.33
N TYR A 425 12.13 -1.17 11.50
CA TYR A 425 11.20 -2.19 11.97
C TYR A 425 9.82 -1.58 12.20
N GLN A 426 9.83 -0.34 12.68
CA GLN A 426 8.62 0.42 12.97
C GLN A 426 7.78 0.71 11.71
N CYS A 427 8.45 0.77 10.56
CA CYS A 427 7.78 1.03 9.28
C CYS A 427 7.38 -0.22 8.47
N GLY A 428 8.07 -1.33 8.69
CA GLY A 428 7.77 -2.53 7.95
C GLY A 428 8.11 -2.46 6.46
N GLY A 429 7.55 -3.39 5.69
CA GLY A 429 7.83 -3.43 4.25
C GLY A 429 7.43 -2.20 3.46
N TRP A 430 7.85 -2.15 2.20
CA TRP A 430 7.55 -1.03 1.29
C TRP A 430 7.99 0.31 1.90
N THR A 431 9.22 0.36 2.40
CA THR A 431 9.73 1.59 3.00
C THR A 431 11.20 1.75 2.62
N ILE A 432 11.45 2.71 1.71
CA ILE A 432 12.79 2.99 1.19
C ILE A 432 13.21 1.86 0.26
N GLU A 433 13.31 0.65 0.81
CA GLU A 433 13.66 -0.52 0.01
C GLU A 433 12.35 -1.29 -0.19
N TRP A 434 12.35 -2.20 -1.15
CA TRP A 434 11.17 -3.03 -1.45
C TRP A 434 10.72 -3.83 -0.23
N GLN A 435 11.67 -4.57 0.36
CA GLN A 435 11.40 -5.41 1.53
C GLN A 435 11.51 -4.65 2.84
N GLY A 436 11.79 -3.35 2.78
CA GLY A 436 11.94 -2.59 3.99
C GLY A 436 13.38 -2.76 4.46
N ASP A 437 13.73 -2.22 5.63
CA ASP A 437 15.09 -2.35 6.11
C ASP A 437 15.19 -2.14 7.62
N THR A 438 16.40 -2.26 8.16
CA THR A 438 16.64 -2.09 9.59
C THR A 438 17.42 -0.81 9.91
N GLY A 439 17.16 -0.24 11.08
CA GLY A 439 17.86 0.97 11.48
C GLY A 439 17.20 2.29 11.08
N ARG A 440 17.99 3.36 11.08
CA ARG A 440 17.48 4.67 10.72
C ARG A 440 17.58 4.87 9.20
N THR A 441 16.61 4.36 8.47
CA THR A 441 16.58 4.43 7.01
C THR A 441 16.01 5.73 6.42
N THR A 442 15.29 6.50 7.23
CA THR A 442 14.70 7.74 6.76
C THR A 442 14.55 8.72 7.95
N VAL A 443 13.73 9.75 7.79
CA VAL A 443 13.50 10.73 8.84
C VAL A 443 12.26 10.36 9.66
N GLY A 444 12.43 10.27 10.97
CA GLY A 444 11.31 9.92 11.83
C GLY A 444 11.65 9.86 13.31
N THR A 445 10.70 9.42 14.12
CA THR A 445 10.89 9.32 15.56
C THR A 445 10.64 7.90 16.04
N THR A 446 11.62 7.30 16.71
CA THR A 446 11.45 5.94 17.23
C THR A 446 10.67 5.98 18.54
N ILE A 447 10.26 4.82 19.05
CA ILE A 447 9.52 4.76 20.30
C ILE A 447 10.36 5.30 21.46
N LEU A 448 11.66 5.01 21.44
CA LEU A 448 12.56 5.48 22.49
C LEU A 448 12.64 7.00 22.48
N GLU A 449 12.78 7.57 21.29
CA GLU A 449 12.87 9.01 21.14
C GLU A 449 11.55 9.68 21.52
N ALA A 450 10.46 8.98 21.25
CA ALA A 450 9.13 9.49 21.58
C ALA A 450 8.96 9.59 23.09
N VAL A 451 9.37 8.55 23.80
CA VAL A 451 9.27 8.51 25.26
C VAL A 451 10.07 9.66 25.89
N LYS A 452 11.32 9.80 25.48
CA LYS A 452 12.19 10.85 26.01
C LYS A 452 11.63 12.24 25.73
N ALA A 453 10.88 12.37 24.65
CA ALA A 453 10.28 13.65 24.29
C ALA A 453 8.99 13.90 25.07
N ALA A 454 8.46 12.86 25.70
CA ALA A 454 7.21 13.01 26.44
C ALA A 454 7.27 13.12 27.95
N VAL A 455 8.29 12.52 28.56
CA VAL A 455 8.40 12.52 30.01
C VAL A 455 8.89 13.80 30.65
N ASP A 456 8.63 13.90 31.95
CA ASP A 456 9.02 15.03 32.76
C ASP A 456 10.55 15.05 32.80
N PRO A 457 11.16 16.25 32.78
CA PRO A 457 12.62 16.37 32.82
C PRO A 457 13.32 15.70 33.99
N SER A 458 12.59 15.43 35.06
CA SER A 458 13.18 14.79 36.23
C SER A 458 13.16 13.26 36.11
N THR A 459 12.45 12.76 35.11
CA THR A 459 12.36 11.31 34.91
C THR A 459 13.60 10.77 34.21
N VAL A 460 14.25 9.79 34.84
CA VAL A 460 15.45 9.19 34.26
C VAL A 460 15.07 8.05 33.32
N VAL A 461 15.45 8.16 32.05
CA VAL A 461 15.13 7.12 31.07
C VAL A 461 16.35 6.28 30.73
N VAL A 462 16.25 4.98 30.99
CA VAL A 462 17.34 4.05 30.71
C VAL A 462 16.93 3.12 29.56
N PHE A 463 17.83 2.94 28.59
CA PHE A 463 17.56 2.06 27.47
C PHE A 463 18.46 0.84 27.46
N ALA A 464 17.87 -0.33 27.20
CA ALA A 464 18.60 -1.59 27.13
C ALA A 464 17.84 -2.46 26.13
N GLU A 465 18.50 -2.83 25.03
CA GLU A 465 17.83 -3.62 24.01
C GLU A 465 17.42 -5.01 24.47
N ASN A 466 18.31 -5.72 25.15
CA ASN A 466 18.00 -7.06 25.64
C ASN A 466 18.60 -7.31 27.02
N PRO A 467 18.01 -6.71 28.06
CA PRO A 467 18.48 -6.85 29.44
C PRO A 467 18.16 -8.22 30.05
N ASP A 468 19.00 -8.68 30.97
CA ASP A 468 18.76 -9.95 31.64
C ASP A 468 17.92 -9.68 32.88
N ALA A 469 17.32 -10.73 33.42
CA ALA A 469 16.45 -10.60 34.58
C ALA A 469 16.99 -9.83 35.78
N GLU A 470 18.23 -10.08 36.22
CA GLU A 470 18.69 -9.36 37.39
C GLU A 470 19.06 -7.92 37.17
N PHE A 471 19.28 -7.54 35.91
CA PHE A 471 19.58 -6.14 35.60
C PHE A 471 18.31 -5.36 35.93
N VAL A 472 17.17 -5.95 35.58
CA VAL A 472 15.88 -5.34 35.80
C VAL A 472 15.49 -5.26 37.27
N LYS A 473 15.64 -6.37 37.99
CA LYS A 473 15.28 -6.39 39.41
C LYS A 473 16.08 -5.41 40.26
N SER A 474 17.37 -5.25 39.96
CA SER A 474 18.20 -4.36 40.74
C SER A 474 18.24 -2.93 40.23
N GLY A 475 17.58 -2.66 39.12
CA GLY A 475 17.59 -1.32 38.55
C GLY A 475 16.74 -0.26 39.25
N GLY A 476 15.78 -0.69 40.06
CA GLY A 476 14.94 0.27 40.75
C GLY A 476 14.05 1.09 39.83
N PHE A 477 13.44 0.44 38.83
CA PHE A 477 12.56 1.11 37.88
C PHE A 477 11.11 1.11 38.35
N SER A 478 10.36 2.17 38.02
CA SER A 478 8.95 2.25 38.37
C SER A 478 8.14 1.36 37.44
N TYR A 479 8.51 1.35 36.17
CA TYR A 479 7.84 0.54 35.17
C TYR A 479 8.72 0.44 33.94
N ALA A 480 8.29 -0.35 32.97
CA ALA A 480 9.05 -0.52 31.75
C ALA A 480 8.16 -0.61 30.53
N ILE A 481 8.66 -0.14 29.40
CA ILE A 481 7.95 -0.22 28.13
C ILE A 481 8.83 -1.13 27.27
N VAL A 482 8.26 -2.21 26.75
CA VAL A 482 9.00 -3.15 25.92
C VAL A 482 8.37 -3.29 24.55
N ALA A 483 9.18 -3.14 23.50
CA ALA A 483 8.67 -3.23 22.15
C ALA A 483 9.35 -4.36 21.37
N VAL A 484 8.53 -5.27 20.84
CA VAL A 484 9.02 -6.41 20.09
C VAL A 484 8.07 -6.69 18.94
N GLY A 485 8.41 -7.64 18.06
CA GLY A 485 7.53 -7.95 16.95
C GLY A 485 8.15 -8.56 15.72
N GLU A 486 7.43 -8.50 14.60
CA GLU A 486 7.92 -9.04 13.34
C GLU A 486 8.96 -8.15 12.70
N HIS A 487 9.72 -8.72 11.77
CA HIS A 487 10.73 -7.98 11.03
C HIS A 487 10.09 -7.54 9.72
N PRO A 488 10.69 -6.57 9.01
CA PRO A 488 10.09 -6.13 7.76
C PRO A 488 10.04 -7.23 6.69
N TYR A 489 8.96 -7.22 5.91
CA TYR A 489 8.79 -8.20 4.85
C TYR A 489 7.75 -7.72 3.83
N THR A 490 7.87 -8.21 2.61
CA THR A 490 6.96 -7.83 1.54
C THR A 490 6.66 -9.03 0.66
N GLU A 491 5.42 -9.11 0.18
CA GLU A 491 4.97 -10.20 -0.68
C GLU A 491 5.33 -11.60 -0.18
N THR A 492 5.80 -12.46 -1.09
CA THR A 492 6.13 -13.84 -0.76
C THR A 492 7.04 -14.06 0.44
N LYS A 493 8.06 -13.22 0.60
CA LYS A 493 8.95 -13.37 1.75
C LYS A 493 8.14 -13.25 3.03
N GLY A 494 6.91 -12.77 2.90
CA GLY A 494 6.04 -12.60 4.05
C GLY A 494 5.22 -13.83 4.39
N ASP A 495 5.07 -14.74 3.43
CA ASP A 495 4.30 -15.96 3.67
C ASP A 495 4.91 -16.69 4.85
N ASN A 496 4.11 -16.88 5.89
CA ASN A 496 4.59 -17.53 7.10
C ASN A 496 3.56 -18.53 7.64
N LEU A 497 3.99 -19.76 7.86
CA LEU A 497 3.08 -20.79 8.36
C LEU A 497 3.05 -20.93 9.89
N ASN A 498 4.07 -20.46 10.59
CA ASN A 498 4.09 -20.58 12.05
C ASN A 498 3.51 -19.36 12.79
N LEU A 499 3.67 -18.18 12.19
CA LEU A 499 3.19 -16.91 12.77
C LEU A 499 3.60 -16.62 14.21
N THR A 500 4.88 -16.82 14.51
CA THR A 500 5.40 -16.54 15.85
C THR A 500 6.51 -15.49 15.70
N ILE A 501 6.58 -14.53 16.61
CA ILE A 501 7.60 -13.50 16.51
C ILE A 501 9.01 -14.04 16.73
N PRO A 502 10.00 -13.47 16.02
CA PRO A 502 11.39 -13.90 16.14
C PRO A 502 11.99 -13.61 17.51
N GLU A 503 13.12 -14.25 17.80
CA GLU A 503 13.81 -14.04 19.05
C GLU A 503 15.03 -13.16 18.79
N PRO A 504 15.49 -12.42 19.80
CA PRO A 504 14.87 -12.43 21.13
C PRO A 504 13.63 -11.56 21.08
N GLY A 505 12.56 -12.04 21.70
CA GLY A 505 11.33 -11.28 21.70
C GLY A 505 10.56 -11.71 22.93
N LEU A 506 10.17 -12.97 22.96
CA LEU A 506 9.43 -13.52 24.09
C LEU A 506 10.34 -13.53 25.32
N SER A 507 11.60 -13.86 25.12
CA SER A 507 12.53 -13.92 26.24
C SER A 507 12.79 -12.53 26.85
N THR A 508 12.78 -11.48 26.03
CA THR A 508 12.99 -10.13 26.52
C THR A 508 11.78 -9.71 27.35
N VAL A 509 10.58 -10.02 26.84
CA VAL A 509 9.36 -9.67 27.56
C VAL A 509 9.29 -10.41 28.90
N GLN A 510 9.73 -11.65 28.91
CA GLN A 510 9.71 -12.43 30.15
C GLN A 510 10.75 -11.92 31.15
N ALA A 511 11.95 -11.65 30.67
CA ALA A 511 13.01 -11.14 31.54
C ALA A 511 12.60 -9.81 32.18
N VAL A 512 12.06 -8.90 31.38
CA VAL A 512 11.65 -7.59 31.89
C VAL A 512 10.42 -7.61 32.77
N CYS A 513 9.34 -8.22 32.27
CA CYS A 513 8.09 -8.27 33.03
C CYS A 513 8.21 -9.09 34.31
N GLY A 514 9.19 -9.98 34.36
CA GLY A 514 9.38 -10.78 35.56
C GLY A 514 9.94 -9.91 36.67
N GLY A 515 10.57 -8.80 36.30
CA GLY A 515 11.15 -7.93 37.31
C GLY A 515 10.38 -6.67 37.66
N VAL A 516 9.49 -6.22 36.77
CA VAL A 516 8.73 -5.00 37.04
C VAL A 516 7.50 -4.92 36.16
N ARG A 517 6.48 -4.18 36.60
CA ARG A 517 5.27 -4.03 35.81
C ARG A 517 5.65 -3.50 34.44
N CYS A 518 5.12 -4.14 33.40
CA CYS A 518 5.49 -3.78 32.05
C CYS A 518 4.31 -3.56 31.09
N ALA A 519 4.53 -2.67 30.14
CA ALA A 519 3.55 -2.38 29.11
C ALA A 519 4.23 -2.86 27.83
N THR A 520 3.69 -3.90 27.22
CA THR A 520 4.26 -4.46 26.00
C THR A 520 3.64 -3.91 24.72
N VAL A 521 4.47 -3.38 23.83
CA VAL A 521 4.01 -2.84 22.55
C VAL A 521 4.38 -3.83 21.44
N LEU A 522 3.37 -4.43 20.82
CA LEU A 522 3.57 -5.41 19.77
C LEU A 522 3.51 -4.78 18.38
N ILE A 523 4.63 -4.85 17.67
CA ILE A 523 4.75 -4.31 16.31
C ILE A 523 4.64 -5.49 15.34
N SER A 524 3.61 -5.51 14.50
CA SER A 524 3.44 -6.59 13.54
C SER A 524 2.50 -6.23 12.39
N GLY A 525 2.55 -7.00 11.31
CA GLY A 525 1.67 -6.72 10.19
C GLY A 525 0.42 -7.57 10.20
N ARG A 526 0.19 -8.26 11.31
CA ARG A 526 -0.97 -9.16 11.42
C ARG A 526 -0.98 -9.80 12.79
N PRO A 527 -2.07 -10.52 13.13
CA PRO A 527 -2.13 -11.18 14.44
C PRO A 527 -1.07 -12.30 14.44
N VAL A 528 -0.47 -12.56 15.59
CA VAL A 528 0.53 -13.62 15.70
C VAL A 528 0.25 -14.38 17.00
N VAL A 529 0.91 -15.53 17.19
CA VAL A 529 0.71 -16.31 18.42
C VAL A 529 1.05 -15.37 19.57
N VAL A 530 0.04 -15.02 20.36
CA VAL A 530 0.25 -14.05 21.42
C VAL A 530 0.14 -14.51 22.89
N GLN A 531 -0.49 -15.65 23.13
CA GLN A 531 -0.66 -16.13 24.51
C GLN A 531 0.54 -15.95 25.45
N PRO A 532 1.74 -16.42 25.08
CA PRO A 532 2.88 -16.25 25.97
C PRO A 532 3.11 -14.79 26.34
N LEU A 533 3.08 -13.92 25.34
CA LEU A 533 3.26 -12.49 25.57
C LEU A 533 2.19 -11.95 26.50
N LEU A 534 0.95 -12.39 26.24
CA LEU A 534 -0.19 -11.97 27.03
C LEU A 534 -0.08 -12.38 28.51
N ALA A 535 0.41 -13.59 28.76
CA ALA A 535 0.55 -14.10 30.11
C ALA A 535 1.59 -13.33 30.94
N ALA A 536 2.68 -12.95 30.30
CA ALA A 536 3.75 -12.24 31.00
C ALA A 536 3.55 -10.74 31.27
N SER A 537 2.79 -10.05 30.42
CA SER A 537 2.64 -8.61 30.64
C SER A 537 1.40 -8.08 31.32
N ASP A 538 1.57 -6.95 32.00
CA ASP A 538 0.47 -6.31 32.69
C ASP A 538 -0.45 -5.64 31.68
N ALA A 539 0.14 -5.08 30.62
CA ALA A 539 -0.62 -4.45 29.56
C ALA A 539 0.02 -4.78 28.21
N LEU A 540 -0.81 -4.99 27.20
CA LEU A 540 -0.31 -5.30 25.87
C LEU A 540 -1.07 -4.48 24.84
N VAL A 541 -0.33 -3.82 23.97
CA VAL A 541 -0.92 -2.99 22.92
C VAL A 541 -0.52 -3.50 21.55
N ALA A 542 -1.49 -3.54 20.64
CA ALA A 542 -1.23 -3.96 19.27
C ALA A 542 -1.08 -2.66 18.47
N ALA A 543 0.15 -2.39 18.03
CA ALA A 543 0.44 -1.16 17.29
C ALA A 543 0.62 -1.37 15.78
N TRP A 544 0.54 -2.62 15.33
CA TRP A 544 0.71 -2.94 13.91
C TRP A 544 2.04 -2.38 13.38
N LEU A 545 2.01 -1.63 12.28
CA LEU A 545 3.21 -1.04 11.68
C LEU A 545 2.89 0.46 11.56
N PRO A 546 3.07 1.21 12.67
CA PRO A 546 2.82 2.65 12.82
C PRO A 546 3.46 3.67 11.87
N GLY A 547 4.60 3.34 11.28
CA GLY A 547 5.22 4.29 10.37
C GLY A 547 6.32 5.15 11.00
N SER A 548 6.56 6.32 10.40
CA SER A 548 7.61 7.22 10.88
C SER A 548 7.35 8.05 12.14
N GLU A 549 6.10 8.28 12.50
CA GLU A 549 5.82 9.13 13.67
C GLU A 549 5.56 8.37 14.96
N GLY A 550 6.64 7.97 15.61
CA GLY A 550 6.54 7.21 16.84
C GLY A 550 5.79 7.87 17.99
N GLN A 551 5.65 9.19 17.95
CA GLN A 551 4.94 9.87 19.03
C GLN A 551 3.46 9.50 19.07
N GLY A 552 2.99 8.85 18.02
CA GLY A 552 1.60 8.42 18.00
C GLY A 552 1.39 7.35 19.05
N VAL A 553 2.41 6.52 19.27
CA VAL A 553 2.33 5.46 20.26
C VAL A 553 2.33 6.03 21.69
N THR A 554 3.27 6.94 21.97
CA THR A 554 3.37 7.52 23.31
C THR A 554 2.24 8.48 23.68
N ASP A 555 1.56 9.04 22.68
CA ASP A 555 0.46 9.96 22.97
C ASP A 555 -0.64 9.19 23.70
N ALA A 556 -0.81 7.92 23.35
CA ALA A 556 -1.81 7.08 24.00
C ALA A 556 -1.29 6.39 25.25
N LEU A 557 0.01 6.09 25.29
CA LEU A 557 0.60 5.43 26.45
C LEU A 557 0.65 6.33 27.68
N PHE A 558 0.89 7.62 27.48
CA PHE A 558 0.98 8.54 28.61
C PHE A 558 -0.31 9.31 28.90
N GLY A 559 -1.40 8.89 28.26
CA GLY A 559 -2.67 9.52 28.52
C GLY A 559 -3.06 10.83 27.87
N ASP A 560 -2.30 11.33 26.90
CA ASP A 560 -2.71 12.57 26.26
C ASP A 560 -4.01 12.35 25.50
N PHE A 561 -4.22 11.13 25.03
CA PHE A 561 -5.46 10.74 24.34
C PHE A 561 -5.80 9.35 24.82
N GLY A 562 -7.06 8.94 24.67
CA GLY A 562 -7.44 7.61 25.11
C GLY A 562 -7.38 6.59 23.99
N PHE A 563 -7.38 5.31 24.32
CA PHE A 563 -7.35 4.28 23.29
C PHE A 563 -8.73 4.15 22.68
N THR A 564 -8.79 4.11 21.35
CA THR A 564 -10.07 3.99 20.65
C THR A 564 -10.05 2.93 19.54
N GLY A 565 -8.87 2.43 19.19
CA GLY A 565 -8.79 1.44 18.14
C GLY A 565 -9.48 0.12 18.43
N ARG A 566 -9.92 -0.56 17.38
CA ARG A 566 -10.59 -1.85 17.52
C ARG A 566 -10.08 -2.83 16.46
N LEU A 567 -9.97 -4.10 16.83
CA LEU A 567 -9.47 -5.12 15.91
C LEU A 567 -10.16 -5.13 14.56
N PRO A 568 -9.35 -5.06 13.47
CA PRO A 568 -9.87 -5.07 12.11
C PRO A 568 -9.87 -6.49 11.57
N ARG A 569 -9.25 -7.41 12.33
CA ARG A 569 -9.18 -8.83 11.97
C ARG A 569 -9.49 -9.69 13.20
N THR A 570 -9.68 -10.98 12.98
CA THR A 570 -9.95 -11.92 14.05
C THR A 570 -8.61 -12.36 14.60
N TRP A 571 -8.49 -12.45 15.91
CA TRP A 571 -7.22 -12.90 16.50
C TRP A 571 -7.44 -14.36 16.91
N PHE A 572 -6.75 -15.25 16.22
CA PHE A 572 -6.85 -16.69 16.43
C PHE A 572 -6.15 -17.21 17.70
N LYS A 573 -6.56 -18.42 18.11
CA LYS A 573 -5.99 -19.07 19.28
C LYS A 573 -4.74 -19.84 18.83
N SER A 574 -4.82 -20.43 17.64
CA SER A 574 -3.69 -21.16 17.08
C SER A 574 -3.80 -21.20 15.57
N VAL A 575 -2.68 -21.43 14.89
CA VAL A 575 -2.67 -21.45 13.44
C VAL A 575 -3.47 -22.57 12.77
N ASP A 576 -3.71 -23.70 13.47
CA ASP A 576 -4.48 -24.74 12.81
C ASP A 576 -5.97 -24.47 12.78
N GLN A 577 -6.38 -23.30 13.26
CA GLN A 577 -7.79 -22.91 13.21
C GLN A 577 -8.02 -22.20 11.88
N LEU A 578 -6.91 -21.84 11.23
CA LEU A 578 -6.95 -21.09 9.97
C LEU A 578 -7.24 -21.91 8.71
N PRO A 579 -8.03 -21.32 7.79
CA PRO A 579 -8.59 -19.98 7.91
C PRO A 579 -9.83 -19.92 8.82
N MET A 580 -9.98 -18.80 9.52
CA MET A 580 -11.11 -18.61 10.42
C MET A 580 -11.55 -17.15 10.41
N ASN A 581 -12.67 -16.87 9.77
CA ASN A 581 -13.18 -15.50 9.70
C ASN A 581 -14.58 -15.35 10.29
N VAL A 582 -14.92 -14.12 10.68
CA VAL A 582 -16.23 -13.85 11.25
C VAL A 582 -17.30 -14.40 10.34
N GLY A 583 -18.11 -15.31 10.87
CA GLY A 583 -19.17 -15.91 10.08
C GLY A 583 -19.08 -17.41 10.06
N ASP A 584 -17.86 -17.93 9.96
CA ASP A 584 -17.66 -19.38 9.93
C ASP A 584 -18.36 -20.08 11.09
N ALA A 585 -18.42 -21.39 11.01
CA ALA A 585 -19.07 -22.19 12.05
C ALA A 585 -18.09 -22.48 13.19
N HIS A 586 -16.85 -22.84 12.85
CA HIS A 586 -15.85 -23.13 13.86
C HIS A 586 -15.23 -21.85 14.44
N TYR A 587 -15.99 -20.76 14.41
CA TYR A 587 -15.49 -19.49 14.91
C TYR A 587 -15.29 -19.46 16.43
N ASP A 588 -14.05 -19.68 16.85
CA ASP A 588 -13.68 -19.67 18.27
C ASP A 588 -12.35 -18.93 18.40
N PRO A 589 -12.39 -17.59 18.43
CA PRO A 589 -11.21 -16.73 18.54
C PRO A 589 -10.71 -16.40 19.93
N LEU A 590 -9.49 -15.88 20.00
CA LEU A 590 -8.89 -15.44 21.26
C LEU A 590 -9.50 -14.07 21.53
N PHE A 591 -9.62 -13.27 20.48
CA PHE A 591 -10.23 -11.94 20.53
C PHE A 591 -11.05 -11.84 19.25
N ARG A 592 -12.29 -11.37 19.35
CA ARG A 592 -13.13 -11.26 18.17
C ARG A 592 -12.97 -9.93 17.44
N LEU A 593 -13.30 -9.94 16.16
CA LEU A 593 -13.22 -8.74 15.34
C LEU A 593 -14.06 -7.67 16.03
N GLY A 594 -13.51 -6.46 16.15
CA GLY A 594 -14.23 -5.39 16.80
C GLY A 594 -13.78 -5.19 18.24
N TYR A 595 -13.02 -6.13 18.76
CA TYR A 595 -12.54 -6.06 20.13
C TYR A 595 -11.50 -4.95 20.37
N GLY A 596 -11.54 -4.37 21.56
CA GLY A 596 -10.61 -3.32 21.91
C GLY A 596 -10.99 -2.60 23.19
N LEU A 597 -10.08 -2.60 24.17
CA LEU A 597 -10.33 -1.92 25.44
C LEU A 597 -10.07 -0.43 25.24
N THR A 598 -10.58 0.40 26.15
CA THR A 598 -10.39 1.84 26.02
C THR A 598 -9.90 2.47 27.33
N THR A 599 -9.53 3.75 27.24
CA THR A 599 -9.09 4.51 28.40
C THR A 599 -9.50 5.96 28.18
N ASN A 600 -9.25 6.81 29.16
CA ASN A 600 -9.57 8.23 29.05
C ASN A 600 -8.31 9.07 29.23
N ALA A 601 -8.29 10.25 28.60
CA ALA A 601 -7.14 11.15 28.65
C ALA A 601 -6.63 11.52 30.06
N THR A 602 -5.40 12.06 30.08
CA THR A 602 -4.65 12.49 31.27
C THR A 602 -4.05 11.29 32.01
N LYS A 603 -2.72 11.28 32.12
CA LYS A 603 -1.96 10.21 32.77
C LYS A 603 -2.40 9.81 34.19
#